data_1NIQ
#
_entry.id   1NIQ
#
loop_
_entity.id
_entity.type
_entity.pdbx_description
1 polymer 'Bleomycin Resistance Protein'
2 non-polymer 'COPPER (II) ION'
3 non-polymer 'BLEOMYCIN A2'
#
_entity_poly.entity_id   1
_entity_poly.type   'polypeptide(L)'
_entity_poly.pdbx_seq_one_letter_code
;MTDQATPNLPSRDFDSTAAFYERLGFGIVFRDAGWMILQRGDLMLEFFAHPGLDPLASWFSCCLRLDDLAEFYRQCKSVG
IQETSSGYPRIHAPELQEWGGTMAALVDPDGTLLRLIQNELLAGIS
;
_entity_poly.pdbx_strand_id   B,C
#
# COMPACT_ATOMS: atom_id res chain seq x y z
N THR A 2 -5.82 16.23 1.20
CA THR A 2 -4.94 15.24 1.88
C THR A 2 -4.01 14.51 0.86
N ASP A 3 -2.70 14.79 0.96
CA ASP A 3 -1.63 14.08 0.21
C ASP A 3 -1.46 12.60 0.71
N GLN A 4 -1.63 11.61 -0.18
CA GLN A 4 -1.92 10.20 0.22
C GLN A 4 -1.04 9.11 -0.49
N ALA A 5 -0.47 8.19 0.32
CA ALA A 5 0.34 7.05 -0.19
C ALA A 5 -0.52 5.75 -0.33
N THR A 6 -0.62 5.18 -1.55
CA THR A 6 -1.62 4.12 -1.88
C THR A 6 -1.04 2.66 -1.93
N PRO A 7 -1.72 1.57 -1.48
CA PRO A 7 -1.29 0.18 -1.77
C PRO A 7 -1.66 -0.32 -3.21
N ASN A 8 -0.66 -0.73 -4.01
CA ASN A 8 -0.90 -1.28 -5.38
C ASN A 8 -0.92 -2.86 -5.36
N LEU A 9 -2.06 -3.43 -5.74
CA LEU A 9 -2.43 -4.84 -5.38
C LEU A 9 -2.85 -5.69 -6.64
N PRO A 10 -2.84 -7.06 -6.66
CA PRO A 10 -3.08 -7.86 -7.89
C PRO A 10 -4.58 -8.23 -8.16
N SER A 11 -5.05 -8.12 -9.42
CA SER A 11 -6.41 -8.60 -9.82
C SER A 11 -6.35 -9.45 -11.13
N ARG A 12 -6.75 -10.74 -11.07
CA ARG A 12 -6.76 -11.64 -12.26
C ARG A 12 -7.93 -11.35 -13.29
N ASP A 13 -9.20 -11.44 -12.87
CA ASP A 13 -10.36 -10.86 -13.62
C ASP A 13 -10.99 -9.67 -12.80
N PHE A 14 -11.42 -8.59 -13.48
CA PHE A 14 -11.88 -7.33 -12.81
C PHE A 14 -13.27 -7.38 -12.10
N ASP A 15 -14.36 -7.87 -12.71
CA ASP A 15 -15.62 -8.19 -11.98
C ASP A 15 -15.47 -9.29 -10.85
N SER A 16 -14.67 -10.35 -11.08
CA SER A 16 -14.27 -11.35 -10.04
C SER A 16 -13.60 -10.77 -8.73
N THR A 17 -12.53 -9.94 -8.83
CA THR A 17 -11.95 -9.22 -7.66
C THR A 17 -12.89 -8.09 -7.09
N ALA A 18 -13.42 -7.17 -7.93
CA ALA A 18 -14.31 -6.06 -7.49
C ALA A 18 -15.62 -6.45 -6.71
N ALA A 19 -16.41 -7.44 -7.18
CA ALA A 19 -17.62 -7.92 -6.46
C ALA A 19 -17.43 -8.43 -4.98
N PHE A 20 -16.33 -9.12 -4.65
CA PHE A 20 -15.89 -9.34 -3.24
C PHE A 20 -15.70 -8.04 -2.36
N TYR A 21 -14.93 -7.06 -2.87
CA TYR A 21 -14.68 -5.76 -2.18
C TYR A 21 -15.89 -4.77 -2.12
N GLU A 22 -16.72 -4.65 -3.17
CA GLU A 22 -17.97 -3.84 -3.16
C GLU A 22 -19.14 -4.39 -2.24
N ARG A 23 -19.25 -5.71 -1.97
CA ARG A 23 -19.91 -6.24 -0.72
C ARG A 23 -19.33 -5.67 0.64
N LEU A 24 -18.01 -5.59 0.78
CA LEU A 24 -17.34 -4.90 1.93
C LEU A 24 -17.28 -3.32 1.85
N GLY A 25 -18.24 -2.64 1.20
CA GLY A 25 -18.23 -1.16 1.06
C GLY A 25 -17.30 -0.46 0.03
N PHE A 26 -16.36 -1.17 -0.62
CA PHE A 26 -15.34 -0.55 -1.51
C PHE A 26 -15.85 -0.34 -2.96
N GLY A 27 -16.52 0.80 -3.20
CA GLY A 27 -17.13 1.11 -4.51
C GLY A 27 -16.17 1.36 -5.70
N ILE A 28 -16.62 1.03 -6.91
CA ILE A 28 -15.81 1.17 -8.15
C ILE A 28 -15.80 2.68 -8.63
N VAL A 29 -14.90 3.49 -8.06
CA VAL A 29 -14.74 4.93 -8.46
C VAL A 29 -14.06 5.17 -9.86
N PHE A 30 -13.08 4.33 -10.24
CA PHE A 30 -12.40 4.35 -11.56
C PHE A 30 -12.25 2.87 -12.06
N ARG A 31 -12.47 2.66 -13.37
CA ARG A 31 -12.17 1.35 -14.04
C ARG A 31 -11.87 1.58 -15.56
N ASP A 32 -10.70 1.13 -16.04
CA ASP A 32 -10.37 1.13 -17.50
C ASP A 32 -10.19 -0.34 -18.06
N ALA A 33 -8.98 -0.87 -17.98
CA ALA A 33 -8.57 -2.23 -18.42
C ALA A 33 -7.23 -2.70 -17.75
N GLY A 34 -6.22 -1.81 -17.61
CA GLY A 34 -5.04 -2.07 -16.75
C GLY A 34 -5.12 -1.76 -15.23
N TRP A 35 -5.97 -0.81 -14.79
CA TRP A 35 -6.04 -0.34 -13.38
C TRP A 35 -7.53 -0.23 -12.85
N MET A 36 -7.76 -0.49 -11.56
CA MET A 36 -9.12 -0.51 -10.95
C MET A 36 -9.07 -0.02 -9.47
N ILE A 37 -9.61 1.19 -9.18
CA ILE A 37 -9.53 1.79 -7.81
C ILE A 37 -10.86 1.45 -7.04
N LEU A 38 -10.72 0.68 -5.95
CA LEU A 38 -11.86 0.20 -5.11
C LEU A 38 -11.81 0.94 -3.72
N GLN A 39 -12.80 1.80 -3.40
CA GLN A 39 -12.63 2.86 -2.37
C GLN A 39 -13.84 2.96 -1.37
N ARG A 40 -13.67 2.52 -0.10
CA ARG A 40 -14.73 2.67 0.95
C ARG A 40 -14.55 3.99 1.75
N GLY A 41 -15.15 5.11 1.28
CA GLY A 41 -15.03 6.42 1.98
C GLY A 41 -13.59 6.98 2.06
N ASP A 42 -12.97 6.79 3.22
CA ASP A 42 -11.54 7.09 3.45
C ASP A 42 -10.49 5.96 3.07
N LEU A 43 -10.92 4.72 2.75
CA LEU A 43 -10.01 3.57 2.45
C LEU A 43 -9.79 3.33 0.92
N MET A 44 -8.72 3.88 0.32
CA MET A 44 -8.35 3.63 -1.11
C MET A 44 -7.51 2.32 -1.35
N LEU A 45 -7.98 1.42 -2.22
CA LEU A 45 -7.20 0.21 -2.66
C LEU A 45 -7.04 0.21 -4.22
N GLU A 46 -5.79 0.27 -4.72
CA GLU A 46 -5.52 0.33 -6.19
C GLU A 46 -5.16 -1.08 -6.77
N PHE A 47 -6.10 -1.71 -7.49
CA PHE A 47 -5.92 -3.10 -8.02
C PHE A 47 -5.50 -3.09 -9.53
N PHE A 48 -4.26 -3.46 -9.83
CA PHE A 48 -3.75 -3.59 -11.23
C PHE A 48 -4.01 -4.99 -11.88
N ALA A 49 -4.21 -5.03 -13.20
CA ALA A 49 -4.47 -6.29 -13.95
C ALA A 49 -3.26 -7.27 -13.99
N HIS A 50 -3.33 -8.35 -13.19
CA HIS A 50 -2.23 -9.36 -13.09
C HIS A 50 -2.78 -10.83 -13.27
N PRO A 51 -3.18 -11.31 -14.49
CA PRO A 51 -3.58 -12.74 -14.69
C PRO A 51 -2.47 -13.85 -14.58
N GLY A 52 -1.17 -13.51 -14.77
CA GLY A 52 -0.05 -14.42 -14.39
C GLY A 52 0.36 -14.39 -12.90
N LEU A 53 -0.55 -14.86 -12.03
CA LEU A 53 -0.40 -14.83 -10.56
C LEU A 53 -0.64 -16.26 -9.97
N ASP A 54 0.31 -16.75 -9.16
CA ASP A 54 0.05 -17.85 -8.19
C ASP A 54 -0.42 -17.25 -6.81
N PRO A 55 -1.68 -17.46 -6.30
CA PRO A 55 -2.08 -17.05 -4.91
C PRO A 55 -1.25 -17.53 -3.68
N LEU A 56 -0.55 -18.66 -3.77
CA LEU A 56 0.47 -19.10 -2.76
C LEU A 56 1.78 -18.24 -2.75
N ALA A 57 2.41 -17.95 -3.91
CA ALA A 57 3.52 -16.97 -4.03
C ALA A 57 3.18 -15.42 -4.05
N SER A 58 1.95 -15.00 -3.72
CA SER A 58 1.51 -13.58 -3.80
C SER A 58 1.99 -12.69 -2.59
N TRP A 59 3.19 -12.09 -2.72
CA TRP A 59 3.76 -11.17 -1.68
C TRP A 59 3.17 -9.70 -1.75
N PHE A 60 1.89 -9.55 -1.40
CA PHE A 60 1.16 -8.25 -1.50
C PHE A 60 0.32 -8.04 -0.20
N SER A 61 0.84 -7.29 0.79
CA SER A 61 0.07 -6.94 2.03
C SER A 61 -0.26 -5.40 2.14
N CYS A 62 -1.35 -5.06 2.84
CA CYS A 62 -1.74 -3.65 3.10
C CYS A 62 -2.66 -3.53 4.37
N CYS A 63 -2.37 -2.62 5.32
CA CYS A 63 -3.19 -2.48 6.55
C CYS A 63 -4.45 -1.57 6.38
N LEU A 64 -5.63 -2.03 6.86
CA LEU A 64 -6.83 -1.15 7.00
C LEU A 64 -6.91 -0.59 8.45
N ARG A 65 -6.63 0.71 8.64
CA ARG A 65 -6.48 1.34 9.99
C ARG A 65 -7.80 1.96 10.56
N LEU A 66 -8.72 1.09 11.01
CA LEU A 66 -10.15 1.44 11.27
C LEU A 66 -10.43 1.97 12.72
N ASP A 67 -11.10 3.11 12.96
CA ASP A 67 -11.44 3.59 14.35
C ASP A 67 -12.32 2.59 15.28
N ASP A 68 -13.21 1.69 14.77
CA ASP A 68 -13.54 0.34 15.44
C ASP A 68 -13.10 -0.85 14.51
N LEU A 69 -12.56 -1.93 15.12
CA LEU A 69 -12.38 -3.25 14.43
C LEU A 69 -13.61 -4.24 14.49
N ALA A 70 -14.50 -4.19 15.50
CA ALA A 70 -15.72 -5.04 15.54
C ALA A 70 -16.77 -4.83 14.39
N GLU A 71 -17.08 -3.61 13.93
CA GLU A 71 -17.88 -3.35 12.68
C GLU A 71 -17.37 -4.14 11.41
N PHE A 72 -16.19 -3.83 10.88
CA PHE A 72 -15.66 -4.49 9.65
C PHE A 72 -15.39 -6.04 9.75
N TYR A 73 -14.97 -6.60 10.90
CA TYR A 73 -14.93 -8.08 11.10
C TYR A 73 -16.34 -8.79 11.21
N ARG A 74 -17.32 -8.24 11.94
CA ARG A 74 -18.76 -8.62 11.80
C ARG A 74 -19.39 -8.44 10.38
N GLN A 75 -19.10 -7.36 9.65
CA GLN A 75 -19.36 -7.22 8.18
C GLN A 75 -18.82 -8.40 7.30
N CYS A 76 -17.52 -8.76 7.37
CA CYS A 76 -16.96 -9.97 6.71
C CYS A 76 -17.69 -11.34 7.00
N LYS A 77 -17.93 -11.68 8.28
CA LYS A 77 -18.76 -12.88 8.65
C LYS A 77 -20.26 -12.84 8.19
N SER A 78 -20.95 -11.69 8.27
CA SER A 78 -22.35 -11.51 7.79
C SER A 78 -22.58 -11.39 6.24
N VAL A 79 -21.73 -10.69 5.45
CA VAL A 79 -21.84 -10.69 3.94
C VAL A 79 -21.55 -12.05 3.23
N GLY A 80 -20.58 -12.84 3.72
CA GLY A 80 -20.28 -14.20 3.22
C GLY A 80 -18.79 -14.50 2.98
N ILE A 81 -17.98 -14.47 4.05
CA ILE A 81 -16.51 -14.75 3.99
C ILE A 81 -16.19 -15.70 5.19
N GLN A 82 -15.70 -16.92 4.92
CA GLN A 82 -15.51 -17.96 5.97
C GLN A 82 -14.20 -17.81 6.83
N GLU A 83 -14.34 -18.00 8.16
CA GLU A 83 -13.20 -18.04 9.11
C GLU A 83 -12.52 -19.45 9.10
N THR A 84 -11.35 -19.56 8.44
CA THR A 84 -10.73 -20.88 8.07
C THR A 84 -9.17 -20.80 8.05
N SER A 85 -8.50 -21.80 8.62
CA SER A 85 -7.04 -22.04 8.40
C SER A 85 -6.60 -22.40 6.93
N SER A 86 -7.31 -23.34 6.27
CA SER A 86 -7.11 -23.64 4.83
C SER A 86 -8.25 -23.01 3.96
N GLY A 87 -7.88 -22.20 2.95
CA GLY A 87 -8.86 -21.56 2.02
C GLY A 87 -8.42 -20.19 1.44
N TYR A 88 -9.02 -19.81 0.32
CA TYR A 88 -8.95 -18.39 -0.19
C TYR A 88 -10.26 -18.08 -1.00
N PRO A 89 -11.16 -17.12 -0.63
CA PRO A 89 -10.96 -16.15 0.50
C PRO A 89 -11.08 -16.72 1.97
N ARG A 90 -10.32 -16.10 2.89
CA ARG A 90 -10.31 -16.50 4.34
C ARG A 90 -10.18 -15.28 5.32
N ILE A 91 -10.64 -15.44 6.57
CA ILE A 91 -10.49 -14.40 7.65
C ILE A 91 -9.95 -15.03 8.98
N HIS A 92 -9.17 -14.27 9.77
CA HIS A 92 -8.67 -14.71 11.12
C HIS A 92 -8.91 -13.61 12.22
N ALA A 93 -9.24 -14.03 13.45
CA ALA A 93 -9.85 -13.15 14.47
C ALA A 93 -8.97 -12.04 15.18
N PRO A 94 -9.53 -11.01 15.90
CA PRO A 94 -8.71 -10.02 16.68
C PRO A 94 -7.88 -10.55 17.90
N GLU A 95 -6.53 -10.50 17.83
CA GLU A 95 -5.62 -11.17 18.82
C GLU A 95 -4.63 -10.22 19.61
N LEU A 96 -3.82 -10.79 20.55
CA LEU A 96 -2.82 -10.07 21.39
C LEU A 96 -1.41 -10.81 21.36
N GLN A 97 -0.26 -10.09 21.25
CA GLN A 97 0.92 -10.55 20.41
C GLN A 97 2.39 -9.96 20.82
N GLU A 98 2.89 -8.75 20.39
CA GLU A 98 4.02 -7.94 21.04
C GLU A 98 4.32 -6.37 20.79
N TRP A 99 3.36 -5.40 20.90
CA TRP A 99 3.54 -3.90 21.10
C TRP A 99 2.44 -3.28 22.07
N GLY A 100 1.24 -2.77 21.67
CA GLY A 100 0.24 -2.11 22.61
C GLY A 100 -1.31 -2.43 22.66
N GLY A 101 -2.01 -2.73 21.55
CA GLY A 101 -3.46 -3.19 21.51
C GLY A 101 -3.80 -4.44 20.62
N THR A 102 -4.69 -4.41 19.60
CA THR A 102 -5.15 -5.67 18.88
C THR A 102 -5.15 -5.64 17.28
N MET A 103 -5.02 -6.81 16.61
CA MET A 103 -5.05 -6.92 15.12
C MET A 103 -5.77 -8.23 14.59
N ALA A 104 -6.49 -8.14 13.45
CA ALA A 104 -7.07 -9.31 12.71
C ALA A 104 -6.59 -9.44 11.20
N ALA A 105 -7.09 -10.44 10.44
CA ALA A 105 -6.65 -10.70 9.03
C ALA A 105 -7.80 -10.90 7.98
N LEU A 106 -7.53 -10.54 6.71
CA LEU A 106 -8.46 -10.78 5.55
C LEU A 106 -7.65 -11.19 4.27
N VAL A 107 -8.02 -12.31 3.63
CA VAL A 107 -7.48 -12.76 2.31
C VAL A 107 -8.64 -12.84 1.27
N ASP A 108 -8.39 -12.37 0.04
CA ASP A 108 -9.36 -12.36 -1.08
C ASP A 108 -9.28 -13.60 -2.08
N PRO A 109 -10.05 -13.70 -3.21
CA PRO A 109 -9.79 -14.69 -4.30
C PRO A 109 -8.39 -14.67 -5.04
N ASP A 110 -7.75 -13.51 -5.15
CA ASP A 110 -6.37 -13.36 -5.71
C ASP A 110 -5.20 -13.84 -4.78
N GLY A 111 -5.30 -13.68 -3.46
CA GLY A 111 -4.16 -13.82 -2.52
C GLY A 111 -3.57 -12.49 -2.02
N THR A 112 -4.41 -11.59 -1.49
CA THR A 112 -3.99 -10.23 -1.04
C THR A 112 -4.15 -10.16 0.51
N LEU A 113 -3.07 -9.88 1.26
CA LEU A 113 -3.07 -9.99 2.75
C LEU A 113 -3.44 -8.64 3.47
N LEU A 114 -4.73 -8.44 3.76
CA LEU A 114 -5.24 -7.19 4.38
C LEU A 114 -5.20 -7.27 5.94
N ARG A 115 -4.34 -6.45 6.58
CA ARG A 115 -4.07 -6.52 8.05
C ARG A 115 -5.01 -5.51 8.81
N LEU A 116 -5.95 -5.99 9.63
CA LEU A 116 -7.12 -5.18 10.10
C LEU A 116 -6.93 -4.62 11.55
N ILE A 117 -7.03 -3.29 11.77
CA ILE A 117 -6.58 -2.67 13.07
C ILE A 117 -7.69 -1.68 13.68
N GLN A 118 -7.41 -0.84 14.72
CA GLN A 118 -8.44 -0.36 15.73
C GLN A 118 -8.32 1.14 16.32
N ASN A 119 -8.37 2.27 15.58
CA ASN A 119 -7.45 3.47 15.65
C ASN A 119 -7.00 4.35 16.91
N GLU A 120 -5.68 4.68 17.00
CA GLU A 120 -4.86 4.79 18.25
C GLU A 120 -5.48 4.96 19.68
N LEU A 121 -5.93 3.99 20.49
CA LEU A 121 -6.61 2.70 20.13
C LEU A 121 -6.03 1.56 19.19
N LEU A 122 -5.50 1.79 17.94
CA LEU A 122 -4.91 0.74 17.02
C LEU A 122 -4.04 -0.29 17.78
N ALA A 123 -3.12 0.21 18.64
CA ALA A 123 -1.74 -0.27 18.90
C ALA A 123 -1.26 -1.75 18.78
N GLY A 124 -2.10 -2.67 18.31
CA GLY A 124 -1.73 -3.85 17.51
C GLY A 124 -0.49 -4.63 17.91
N ILE A 125 -0.59 -5.45 18.97
CA ILE A 125 0.59 -6.13 19.57
C ILE A 125 1.25 -7.01 18.36
N SER A 126 2.57 -7.03 18.00
CA SER A 126 3.15 -7.98 16.97
C SER A 126 4.04 -9.13 17.53
N THR B 2 -8.73 10.09 10.81
CA THR B 2 -8.88 9.55 9.44
C THR B 2 -8.55 8.02 9.38
N ASP B 3 -9.55 7.21 9.02
CA ASP B 3 -9.36 5.81 8.56
C ASP B 3 -8.52 5.73 7.22
N GLN B 4 -7.61 4.76 7.11
CA GLN B 4 -6.53 4.80 6.07
C GLN B 4 -5.99 3.41 5.63
N ALA B 5 -5.91 3.19 4.30
CA ALA B 5 -5.33 1.98 3.70
C ALA B 5 -3.81 2.16 3.33
N THR B 6 -2.92 1.37 3.92
CA THR B 6 -1.44 1.64 3.87
C THR B 6 -0.64 0.71 2.88
N PRO B 7 0.43 1.17 2.16
CA PRO B 7 1.37 0.26 1.45
C PRO B 7 2.42 -0.44 2.38
N ASN B 8 2.45 -1.78 2.40
CA ASN B 8 3.46 -2.56 3.18
C ASN B 8 4.67 -2.99 2.26
N LEU B 9 5.88 -2.53 2.60
CA LEU B 9 7.03 -2.45 1.65
C LEU B 9 8.33 -3.12 2.25
N PRO B 10 9.37 -3.54 1.47
CA PRO B 10 10.53 -4.31 2.00
C PRO B 10 11.74 -3.44 2.50
N SER B 11 12.33 -3.78 3.65
CA SER B 11 13.59 -3.13 4.13
C SER B 11 14.65 -4.18 4.58
N ARG B 12 15.84 -4.22 3.94
CA ARG B 12 16.94 -5.16 4.30
C ARG B 12 17.69 -4.79 5.63
N ASP B 13 18.33 -3.61 5.71
CA ASP B 13 18.79 -2.98 7.00
C ASP B 13 17.96 -1.67 7.28
N PHE B 14 17.60 -1.43 8.55
CA PHE B 14 16.67 -0.32 8.94
C PHE B 14 17.23 1.14 8.85
N ASP B 15 18.42 1.47 9.40
CA ASP B 15 19.12 2.76 9.09
C ASP B 15 19.49 2.96 7.57
N SER B 16 19.94 1.91 6.86
CA SER B 16 20.11 1.91 5.37
C SER B 16 18.86 2.34 4.51
N THR B 17 17.68 1.72 4.71
CA THR B 17 16.40 2.17 4.05
C THR B 17 15.86 3.55 4.60
N ALA B 18 15.75 3.73 5.94
CA ALA B 18 15.26 4.99 6.55
C ALA B 18 16.01 6.32 6.21
N ALA B 19 17.36 6.37 6.25
CA ALA B 19 18.15 7.56 5.84
C ALA B 19 17.93 8.12 4.39
N PHE B 20 17.71 7.27 3.37
CA PHE B 20 17.16 7.69 2.04
C PHE B 20 15.77 8.44 2.08
N TYR B 21 14.77 7.85 2.77
CA TYR B 21 13.42 8.46 2.91
C TYR B 21 13.29 9.69 3.87
N GLU B 22 14.02 9.75 5.00
CA GLU B 22 14.10 10.95 5.88
C GLU B 22 14.84 12.22 5.27
N ARG B 23 15.82 12.06 4.34
CA ARG B 23 16.13 13.13 3.33
C ARG B 23 14.92 13.66 2.47
N LEU B 24 14.05 12.74 1.99
CA LEU B 24 12.78 13.11 1.29
C LEU B 24 11.55 13.49 2.19
N GLY B 25 11.76 14.04 3.41
CA GLY B 25 10.65 14.39 4.34
C GLY B 25 9.95 13.29 5.19
N PHE B 26 10.23 11.99 4.96
CA PHE B 26 9.51 10.87 5.64
C PHE B 26 10.16 10.48 6.99
N GLY B 27 9.76 11.19 8.07
CA GLY B 27 10.35 10.97 9.42
C GLY B 27 10.02 9.63 10.11
N ILE B 28 10.93 9.19 10.99
CA ILE B 28 10.79 7.89 11.72
C ILE B 28 9.78 8.05 12.93
N VAL B 29 8.48 7.90 12.64
CA VAL B 29 7.39 7.98 13.68
C VAL B 29 7.28 6.73 14.63
N PHE B 30 7.50 5.51 14.10
CA PHE B 30 7.58 4.25 14.89
C PHE B 30 8.81 3.42 14.37
N ARG B 31 9.55 2.78 15.30
CA ARG B 31 10.62 1.79 14.97
C ARG B 31 10.80 0.77 16.13
N ASP B 32 10.71 -0.54 15.83
CA ASP B 32 11.05 -1.62 16.80
C ASP B 32 12.23 -2.52 16.29
N ALA B 33 11.92 -3.57 15.53
CA ALA B 33 12.87 -4.54 14.93
C ALA B 33 12.25 -5.34 13.73
N GLY B 34 10.98 -5.77 13.81
CA GLY B 34 10.20 -6.26 12.63
C GLY B 34 9.50 -5.23 11.70
N TRP B 35 9.11 -4.04 12.20
CA TRP B 35 8.32 -3.04 11.44
C TRP B 35 8.89 -1.58 11.62
N MET B 36 8.78 -0.74 10.58
CA MET B 36 9.34 0.64 10.58
C MET B 36 8.44 1.62 9.75
N ILE B 37 7.72 2.54 10.41
CA ILE B 37 6.76 3.45 9.72
C ILE B 37 7.48 4.81 9.40
N LEU B 38 7.61 5.12 8.10
CA LEU B 38 8.30 6.34 7.59
C LEU B 38 7.22 7.31 7.00
N GLN B 39 6.96 8.47 7.62
CA GLN B 39 5.72 9.27 7.34
C GLN B 39 6.00 10.79 7.09
N ARG B 40 5.72 11.31 5.88
CA ARG B 40 5.76 12.79 5.61
C ARG B 40 4.35 13.44 5.84
N GLY B 41 4.00 13.73 7.11
CA GLY B 41 2.65 14.26 7.46
C GLY B 41 1.50 13.24 7.32
N ASP B 42 0.72 13.37 6.24
CA ASP B 42 -0.27 12.33 5.81
C ASP B 42 0.32 11.12 4.99
N LEU B 43 1.47 11.25 4.30
CA LEU B 43 2.06 10.17 3.45
C LEU B 43 2.73 9.00 4.27
N MET B 44 1.93 8.02 4.72
CA MET B 44 2.42 6.85 5.51
C MET B 44 3.02 5.71 4.61
N LEU B 45 4.30 5.35 4.84
CA LEU B 45 4.95 4.17 4.18
C LEU B 45 5.40 3.14 5.26
N GLU B 46 4.83 1.92 5.25
CA GLU B 46 5.11 0.88 6.28
C GLU B 46 6.19 -0.13 5.79
N PHE B 47 7.44 0.01 6.25
CA PHE B 47 8.58 -0.82 5.80
C PHE B 47 8.87 -2.01 6.79
N PHE B 48 8.53 -3.24 6.39
CA PHE B 48 8.80 -4.47 7.18
C PHE B 48 10.23 -5.06 6.94
N ALA B 49 10.81 -5.69 7.97
CA ALA B 49 12.17 -6.30 7.89
C ALA B 49 12.27 -7.54 6.94
N HIS B 50 12.84 -7.34 5.74
CA HIS B 50 12.96 -8.41 4.71
C HIS B 50 14.44 -8.53 4.17
N PRO B 51 15.45 -9.07 4.93
CA PRO B 51 16.82 -9.31 4.38
C PRO B 51 17.01 -10.42 3.29
N GLY B 52 16.10 -11.42 3.18
CA GLY B 52 16.03 -12.31 1.99
C GLY B 52 15.27 -11.75 0.77
N LEU B 53 15.85 -10.71 0.16
CA LEU B 53 15.24 -9.95 -0.97
C LEU B 53 16.26 -9.85 -2.15
N ASP B 54 15.82 -10.25 -3.36
CA ASP B 54 16.48 -9.82 -4.62
C ASP B 54 15.81 -8.48 -5.14
N PRO B 55 16.50 -7.30 -5.22
CA PRO B 55 15.95 -6.06 -5.86
C PRO B 55 15.42 -6.12 -7.34
N LEU B 56 15.93 -7.04 -8.16
CA LEU B 56 15.35 -7.36 -9.51
C LEU B 56 13.96 -8.10 -9.46
N ALA B 57 13.80 -9.16 -8.66
CA ALA B 57 12.47 -9.78 -8.38
C ALA B 57 11.50 -9.08 -7.35
N SER B 58 11.74 -7.83 -6.93
CA SER B 58 10.94 -7.12 -5.90
C SER B 58 9.59 -6.53 -6.44
N TRP B 59 8.51 -7.33 -6.41
CA TRP B 59 7.14 -6.89 -6.83
C TRP B 59 6.37 -6.06 -5.75
N PHE B 60 6.86 -4.83 -5.47
CA PHE B 60 6.30 -3.95 -4.41
C PHE B 60 6.17 -2.50 -4.97
N SER B 61 4.99 -2.12 -5.48
CA SER B 61 4.72 -0.72 -5.92
C SER B 61 3.69 0.03 -5.00
N CYS B 62 3.82 1.37 -4.93
CA CYS B 62 2.86 2.24 -4.18
C CYS B 62 2.84 3.68 -4.74
N CYS B 63 1.66 4.28 -5.04
CA CYS B 63 1.60 5.65 -5.61
C CYS B 63 1.67 6.77 -4.51
N LEU B 64 2.53 7.79 -4.72
CA LEU B 64 2.45 9.06 -3.95
C LEU B 64 1.55 10.07 -4.73
N ARG B 65 0.32 10.31 -4.24
CA ARG B 65 -0.68 11.18 -4.94
C ARG B 65 -0.55 12.69 -4.57
N LEU B 66 0.30 13.40 -5.31
CA LEU B 66 0.69 14.79 -5.02
C LEU B 66 -0.17 15.81 -5.85
N ASP B 67 -0.80 16.80 -5.19
CA ASP B 67 -1.52 17.91 -5.90
C ASP B 67 -0.56 18.98 -6.65
N ASP B 68 0.77 19.15 -6.34
CA ASP B 68 1.85 19.49 -7.36
C ASP B 68 2.92 18.34 -7.40
N LEU B 69 3.28 17.87 -8.61
CA LEU B 69 4.48 16.98 -8.81
C LEU B 69 5.88 17.68 -8.97
N ALA B 70 5.98 18.99 -9.29
CA ALA B 70 7.29 19.70 -9.40
C ALA B 70 8.15 19.85 -8.09
N GLU B 71 7.59 20.18 -6.91
CA GLU B 71 8.33 20.15 -5.60
C GLU B 71 9.08 18.79 -5.32
N PHE B 72 8.35 17.68 -5.12
CA PHE B 72 8.98 16.37 -4.78
C PHE B 72 9.97 15.76 -5.85
N TYR B 73 9.79 15.96 -7.16
CA TYR B 73 10.83 15.62 -8.17
C TYR B 73 12.11 16.53 -8.18
N ARG B 74 11.96 17.87 -8.08
CA ARG B 74 13.11 18.78 -7.72
C ARG B 74 13.82 18.50 -6.35
N GLN B 75 13.07 18.17 -5.28
CA GLN B 75 13.61 17.56 -4.02
C GLN B 75 14.50 16.29 -4.23
N CYS B 76 14.03 15.24 -4.93
CA CYS B 76 14.88 14.07 -5.33
C CYS B 76 16.22 14.37 -6.10
N LYS B 77 16.19 15.20 -7.16
CA LYS B 77 17.43 15.69 -7.85
C LYS B 77 18.39 16.57 -6.97
N SER B 78 17.86 17.49 -6.14
CA SER B 78 18.67 18.33 -5.20
C SER B 78 19.23 17.65 -3.90
N VAL B 79 18.50 16.75 -3.21
CA VAL B 79 19.06 15.97 -2.04
C VAL B 79 20.18 14.93 -2.40
N GLY B 80 20.08 14.24 -3.55
CA GLY B 80 21.12 13.32 -4.06
C GLY B 80 20.60 11.96 -4.57
N ILE B 81 19.78 11.97 -5.62
CA ILE B 81 19.19 10.73 -6.23
C ILE B 81 19.32 10.90 -7.79
N GLN B 82 20.08 10.01 -8.45
CA GLN B 82 20.41 10.17 -9.90
C GLN B 82 19.29 9.72 -10.90
N GLU B 83 19.06 10.53 -11.95
CA GLU B 83 18.13 10.20 -13.06
C GLU B 83 18.82 9.26 -14.11
N THR B 84 18.47 7.96 -14.08
CA THR B 84 19.25 6.89 -14.77
C THR B 84 18.34 5.71 -15.24
N SER B 85 18.53 5.24 -16.48
CA SER B 85 17.96 3.94 -16.94
C SER B 85 18.51 2.64 -16.22
N SER B 86 19.84 2.52 -16.04
CA SER B 86 20.44 1.44 -15.19
C SER B 86 20.89 1.99 -13.80
N GLY B 87 20.40 1.37 -12.71
CA GLY B 87 20.78 1.76 -11.32
C GLY B 87 19.71 1.48 -10.24
N TYR B 88 20.12 1.41 -8.97
CA TYR B 88 19.19 1.48 -7.81
C TYR B 88 19.96 2.09 -6.57
N PRO B 89 19.61 3.28 -5.99
CA PRO B 89 18.38 4.06 -6.33
C PRO B 89 18.38 4.83 -7.70
N ARG B 90 17.19 4.96 -8.30
CA ARG B 90 17.00 5.66 -9.61
C ARG B 90 15.66 6.49 -9.67
N ILE B 91 15.64 7.55 -10.49
CA ILE B 91 14.40 8.36 -10.78
C ILE B 91 14.15 8.51 -12.32
N HIS B 92 12.88 8.61 -12.74
CA HIS B 92 12.50 8.88 -14.17
C HIS B 92 11.46 10.06 -14.24
N ALA B 93 11.60 10.93 -15.27
CA ALA B 93 10.93 12.25 -15.30
C ALA B 93 9.35 12.33 -15.38
N PRO B 94 8.65 13.46 -15.04
CA PRO B 94 7.18 13.61 -15.27
C PRO B 94 6.68 13.57 -16.75
N GLU B 95 6.32 12.37 -17.23
CA GLU B 95 5.81 12.14 -18.61
C GLU B 95 4.25 12.17 -18.69
N LEU B 96 3.68 12.60 -19.83
CA LEU B 96 2.20 12.66 -20.03
C LEU B 96 1.55 11.26 -20.25
N GLN B 97 0.37 11.05 -19.64
CA GLN B 97 -0.19 9.69 -19.42
C GLN B 97 -1.56 9.46 -20.15
N GLU B 98 -1.79 8.23 -20.65
CA GLU B 98 -3.09 7.85 -21.31
C GLU B 98 -4.27 7.47 -20.37
N TRP B 99 -4.67 8.41 -19.52
CA TRP B 99 -5.65 8.19 -18.41
C TRP B 99 -6.10 9.56 -17.79
N GLY B 100 -5.15 10.38 -17.29
CA GLY B 100 -5.46 11.74 -16.79
C GLY B 100 -4.32 12.76 -17.05
N GLY B 101 -3.33 12.84 -16.16
CA GLY B 101 -2.29 13.90 -16.20
C GLY B 101 -0.85 13.41 -16.49
N THR B 102 -0.05 13.25 -15.43
CA THR B 102 1.41 12.95 -15.55
C THR B 102 1.96 12.11 -14.34
N MET B 103 2.88 11.16 -14.60
CA MET B 103 3.46 10.29 -13.54
C MET B 103 5.01 10.14 -13.71
N ALA B 104 5.77 10.43 -12.65
CA ALA B 104 7.23 10.12 -12.56
C ALA B 104 7.54 8.83 -11.73
N ALA B 105 8.80 8.35 -11.75
CA ALA B 105 9.22 7.14 -10.98
C ALA B 105 10.27 7.43 -9.86
N LEU B 106 10.20 6.67 -8.74
CA LEU B 106 11.24 6.66 -7.67
C LEU B 106 11.53 5.20 -7.22
N VAL B 107 12.77 4.72 -7.42
CA VAL B 107 13.26 3.41 -6.89
C VAL B 107 14.33 3.68 -5.78
N ASP B 108 14.23 2.95 -4.68
CA ASP B 108 15.15 3.06 -3.50
C ASP B 108 16.38 2.05 -3.50
N PRO B 109 17.27 1.96 -2.46
CA PRO B 109 18.25 0.83 -2.32
C PRO B 109 17.71 -0.65 -2.23
N ASP B 110 16.50 -0.85 -1.70
CA ASP B 110 15.80 -2.18 -1.67
C ASP B 110 15.21 -2.68 -3.04
N GLY B 111 14.70 -1.77 -3.89
CA GLY B 111 13.86 -2.14 -5.06
C GLY B 111 12.34 -1.92 -4.86
N THR B 112 11.94 -0.72 -4.43
CA THR B 112 10.52 -0.38 -4.13
C THR B 112 10.03 0.66 -5.19
N LEU B 113 8.99 0.33 -5.96
CA LEU B 113 8.56 1.17 -7.12
C LEU B 113 7.50 2.26 -6.73
N LEU B 114 7.97 3.46 -6.34
CA LEU B 114 7.09 4.58 -5.92
C LEU B 114 6.59 5.39 -7.16
N ARG B 115 5.29 5.28 -7.49
CA ARG B 115 4.70 5.89 -8.71
C ARG B 115 4.19 7.34 -8.39
N LEU B 116 4.91 8.37 -8.85
CA LEU B 116 4.71 9.77 -8.38
C LEU B 116 3.62 10.51 -9.24
N ILE B 117 2.36 10.51 -8.80
CA ILE B 117 1.20 11.00 -9.62
C ILE B 117 0.97 12.54 -9.40
N GLN B 118 0.79 13.30 -10.49
CA GLN B 118 0.09 14.61 -10.46
C GLN B 118 -1.46 14.42 -10.51
N ASN B 119 -2.17 14.80 -9.44
CA ASN B 119 -3.65 14.59 -9.34
C ASN B 119 -4.51 15.52 -10.28
N GLU B 120 -5.68 15.01 -10.72
CA GLU B 120 -6.49 15.63 -11.80
C GLU B 120 -7.82 16.33 -11.29
N LEU B 121 -8.81 16.57 -12.18
CA LEU B 121 -10.09 17.27 -11.84
C LEU B 121 -11.03 16.54 -10.82
N LEU B 122 -11.19 15.20 -10.92
CA LEU B 122 -11.85 14.41 -9.84
C LEU B 122 -10.85 14.07 -8.67
N ALA B 123 -10.46 15.09 -7.89
CA ALA B 123 -9.63 14.90 -6.67
C ALA B 123 -10.49 14.38 -5.47
N GLY B 124 -10.79 13.07 -5.49
CA GLY B 124 -11.63 12.41 -4.45
C GLY B 124 -10.84 12.11 -3.17
N ILE B 125 -10.77 13.11 -2.28
CA ILE B 125 -9.98 13.02 -1.02
C ILE B 125 -10.62 11.97 -0.06
N SER B 126 -9.92 10.84 0.11
CA SER B 126 -10.34 9.77 1.02
C SER B 126 -9.94 10.09 2.50
#